data_4YDW
#
_entry.id   4YDW
#
_cell.length_a   60.240
_cell.length_b   60.740
_cell.length_c   81.890
_cell.angle_alpha   90.00
_cell.angle_beta   90.00
_cell.angle_gamma   90.00
#
_symmetry.space_group_name_H-M   'P 21 21 21'
#
loop_
_entity.id
_entity.type
_entity.pdbx_description
1 polymer 'DARPIN 44C12V5'
2 water water
#
_entity_poly.entity_id   1
_entity_poly.type   'polypeptide(L)'
_entity_poly.pdbx_seq_one_letter_code
;MRGSHHHHHHGSDLGKKLLEAARAGQDDEVRILMANGADVNALDDSGYTPLHLAAEDGHLEIVEVLLKHGADVNAADRLG
DTPLHLAAFVGHLEIVEVLLKAGADVNAVDLAGVTPLHVAAFYGHLEIVEVLLKAGADVNAQDKFGKTPADIAADNGHED
IAEVLQKLN
;
_entity_poly.pdbx_strand_id   A,B
#
# COMPACT_ATOMS: atom_id res chain seq x y z
N ASP A 13 -25.66 -10.17 13.11
CA ASP A 13 -24.44 -10.25 13.96
C ASP A 13 -23.35 -11.12 13.33
N LEU A 14 -23.77 -12.17 12.63
CA LEU A 14 -22.82 -13.13 12.04
C LEU A 14 -22.03 -12.55 10.88
N GLY A 15 -22.61 -11.56 10.18
CA GLY A 15 -21.94 -10.85 9.09
C GLY A 15 -20.72 -10.07 9.59
N LYS A 16 -20.92 -9.34 10.69
CA LYS A 16 -19.83 -8.64 11.38
C LYS A 16 -18.77 -9.60 11.93
N LYS A 17 -19.20 -10.73 12.48
CA LYS A 17 -18.23 -11.73 12.95
C LYS A 17 -17.45 -12.32 11.77
N LEU A 18 -18.10 -12.50 10.62
CA LEU A 18 -17.40 -13.06 9.46
C LEU A 18 -16.36 -12.06 8.91
N LEU A 19 -16.73 -10.80 8.84
CA LEU A 19 -15.80 -9.73 8.43
C LEU A 19 -14.57 -9.75 9.35
N GLU A 20 -14.83 -9.84 10.65
CA GLU A 20 -13.76 -9.86 11.64
C GLU A 20 -12.88 -11.09 11.55
N ALA A 21 -13.48 -12.27 11.37
CA ALA A 21 -12.72 -13.53 11.24
C ALA A 21 -11.91 -13.58 9.94
N ALA A 22 -12.51 -13.12 8.84
CA ALA A 22 -11.80 -13.13 7.55
C ALA A 22 -10.61 -12.16 7.60
N ARG A 23 -10.83 -10.97 8.17
CA ARG A 23 -9.73 -10.03 8.33
C ARG A 23 -8.61 -10.61 9.22
N ALA A 24 -8.99 -11.32 10.29
CA ALA A 24 -8.01 -11.84 11.26
C ALA A 24 -7.37 -13.14 10.82
N GLY A 25 -7.72 -13.62 9.63
CA GLY A 25 -7.15 -14.88 9.12
C GLY A 25 -7.54 -16.10 9.92
N GLN A 26 -8.73 -16.06 10.52
CA GLN A 26 -9.20 -17.14 11.39
C GLN A 26 -9.92 -18.22 10.56
N ASP A 27 -9.15 -19.12 9.96
CA ASP A 27 -9.66 -20.14 9.03
C ASP A 27 -10.85 -20.94 9.60
N ASP A 28 -10.64 -21.50 10.77
CA ASP A 28 -11.65 -22.36 11.41
C ASP A 28 -12.91 -21.59 11.71
N GLU A 29 -12.75 -20.39 12.26
CA GLU A 29 -13.88 -19.53 12.61
C GLU A 29 -14.69 -19.10 11.37
N VAL A 30 -14.01 -18.85 10.25
CA VAL A 30 -14.70 -18.53 9.00
C VAL A 30 -15.63 -19.68 8.57
N ARG A 31 -15.12 -20.91 8.66
CA ARG A 31 -15.86 -22.12 8.32
C ARG A 31 -17.06 -22.34 9.24
N ILE A 32 -16.86 -22.15 10.55
CA ILE A 32 -17.95 -22.26 11.51
C ILE A 32 -19.04 -21.24 11.20
N LEU A 33 -18.65 -19.99 10.96
CA LEU A 33 -19.61 -18.90 10.72
C LEU A 33 -20.44 -19.15 9.47
N MET A 34 -19.77 -19.60 8.41
CA MET A 34 -20.47 -19.89 7.18
C MET A 34 -21.43 -21.07 7.34
N ALA A 35 -21.00 -22.08 8.09
CA ALA A 35 -21.86 -23.23 8.41
C ALA A 35 -23.08 -22.80 9.22
N ASN A 36 -22.94 -21.69 9.93
CA ASN A 36 -24.03 -21.11 10.72
C ASN A 36 -24.85 -20.07 9.97
N GLY A 37 -24.57 -19.91 8.69
CA GLY A 37 -25.39 -19.07 7.82
C GLY A 37 -24.94 -17.62 7.66
N ALA A 38 -23.72 -17.30 8.06
CA ALA A 38 -23.21 -15.92 7.93
C ALA A 38 -23.20 -15.48 6.48
N ASP A 39 -23.56 -14.22 6.24
CA ASP A 39 -23.64 -13.65 4.89
C ASP A 39 -22.22 -13.42 4.36
N VAL A 40 -21.85 -14.22 3.35
CA VAL A 40 -20.52 -14.19 2.74
C VAL A 40 -20.24 -12.83 2.08
N ASN A 41 -21.30 -12.08 1.75
CA ASN A 41 -21.13 -10.76 1.15
C ASN A 41 -21.51 -9.60 2.08
N ALA A 42 -21.43 -9.84 3.39
CA ALA A 42 -21.60 -8.78 4.40
C ALA A 42 -20.65 -7.61 4.12
N LEU A 43 -21.12 -6.40 4.41
CA LEU A 43 -20.35 -5.18 4.19
C LEU A 43 -19.98 -4.53 5.51
N ASP A 44 -18.76 -4.01 5.62
CA ASP A 44 -18.41 -3.16 6.76
C ASP A 44 -18.74 -1.69 6.45
N ASP A 45 -18.33 -0.79 7.35
CA ASP A 45 -18.63 0.65 7.21
C ASP A 45 -18.05 1.28 5.94
N SER A 46 -16.96 0.71 5.43
CA SER A 46 -16.28 1.24 4.22
C SER A 46 -16.62 0.50 2.92
N GLY A 47 -17.55 -0.47 2.99
CA GLY A 47 -17.98 -1.19 1.79
C GLY A 47 -17.12 -2.40 1.48
N TYR A 48 -16.22 -2.73 2.41
CA TYR A 48 -15.43 -3.96 2.29
C TYR A 48 -16.28 -5.19 2.59
N THR A 49 -16.06 -6.24 1.79
CA THR A 49 -16.63 -7.56 2.01
C THR A 49 -15.58 -8.43 2.69
N PRO A 50 -15.97 -9.61 3.23
CA PRO A 50 -14.91 -10.47 3.78
C PRO A 50 -13.83 -10.82 2.76
N LEU A 51 -14.21 -10.97 1.49
CA LEU A 51 -13.22 -11.23 0.44
C LEU A 51 -12.20 -10.08 0.28
N HIS A 52 -12.67 -8.82 0.32
CA HIS A 52 -11.74 -7.69 0.29
C HIS A 52 -10.69 -7.80 1.41
N LEU A 53 -11.16 -8.08 2.62
CA LEU A 53 -10.29 -8.08 3.79
C LEU A 53 -9.33 -9.25 3.76
N ALA A 54 -9.82 -10.43 3.40
CA ALA A 54 -8.94 -11.59 3.28
C ALA A 54 -7.89 -11.40 2.19
N ALA A 55 -8.29 -10.83 1.06
CA ALA A 55 -7.37 -10.60 -0.05
C ALA A 55 -6.29 -9.59 0.35
N GLU A 56 -6.71 -8.47 0.94
CA GLU A 56 -5.75 -7.44 1.34
C GLU A 56 -4.75 -7.94 2.37
N ASP A 57 -5.23 -8.74 3.33
CA ASP A 57 -4.38 -9.19 4.44
C ASP A 57 -3.63 -10.49 4.18
N GLY A 58 -3.70 -10.99 2.95
CA GLY A 58 -2.86 -12.11 2.53
C GLY A 58 -3.35 -13.46 3.01
N HIS A 59 -4.63 -13.57 3.32
CA HIS A 59 -5.18 -14.82 3.87
C HIS A 59 -5.71 -15.74 2.77
N LEU A 60 -4.80 -16.49 2.16
CA LEU A 60 -5.10 -17.30 0.97
C LEU A 60 -6.23 -18.32 1.16
N GLU A 61 -6.12 -19.14 2.21
CA GLU A 61 -7.09 -20.21 2.44
C GLU A 61 -8.49 -19.63 2.61
N ILE A 62 -8.61 -18.50 3.30
CA ILE A 62 -9.90 -17.83 3.47
C ILE A 62 -10.46 -17.26 2.16
N VAL A 63 -9.59 -16.61 1.36
CA VAL A 63 -9.98 -16.17 0.01
C VAL A 63 -10.62 -17.33 -0.76
N GLU A 64 -9.95 -18.47 -0.76
CA GLU A 64 -10.45 -19.64 -1.49
C GLU A 64 -11.79 -20.17 -0.96
N VAL A 65 -11.95 -20.26 0.36
CA VAL A 65 -13.22 -20.74 0.93
C VAL A 65 -14.36 -19.75 0.66
N LEU A 66 -14.09 -18.45 0.82
CA LEU A 66 -15.12 -17.43 0.60
C LEU A 66 -15.67 -17.51 -0.83
N LEU A 67 -14.76 -17.69 -1.79
CA LEU A 67 -15.16 -17.84 -3.19
C LEU A 67 -16.03 -19.09 -3.42
N LYS A 68 -15.63 -20.21 -2.82
CA LYS A 68 -16.45 -21.43 -2.87
C LYS A 68 -17.86 -21.23 -2.29
N HIS A 69 -17.98 -20.33 -1.33
CA HIS A 69 -19.26 -20.08 -0.68
C HIS A 69 -20.00 -18.91 -1.28
N GLY A 70 -19.59 -18.47 -2.45
CA GLY A 70 -20.35 -17.48 -3.21
C GLY A 70 -20.00 -16.01 -2.96
N ALA A 71 -18.80 -15.74 -2.43
CA ALA A 71 -18.33 -14.35 -2.34
C ALA A 71 -18.29 -13.71 -3.73
N ASP A 72 -18.80 -12.49 -3.87
CA ASP A 72 -18.79 -11.79 -5.14
C ASP A 72 -17.37 -11.34 -5.47
N VAL A 73 -16.75 -12.01 -6.44
CA VAL A 73 -15.35 -11.78 -6.76
C VAL A 73 -15.11 -10.34 -7.25
N ASN A 74 -16.14 -9.71 -7.79
CA ASN A 74 -16.03 -8.34 -8.30
C ASN A 74 -16.69 -7.28 -7.42
N ALA A 75 -16.92 -7.61 -6.16
CA ALA A 75 -17.48 -6.64 -5.21
C ALA A 75 -16.62 -5.36 -5.19
N ALA A 76 -17.27 -4.22 -5.29
CA ALA A 76 -16.57 -2.92 -5.24
C ALA A 76 -16.80 -2.25 -3.89
N ASP A 77 -15.72 -1.82 -3.24
CA ASP A 77 -15.85 -1.07 -1.97
C ASP A 77 -16.25 0.38 -2.26
N ARG A 78 -16.22 1.25 -1.25
CA ARG A 78 -16.72 2.63 -1.41
C ARG A 78 -15.93 3.41 -2.47
N LEU A 79 -14.66 3.04 -2.66
CA LEU A 79 -13.80 3.70 -3.64
C LEU A 79 -13.85 3.02 -5.01
N GLY A 80 -14.67 1.98 -5.13
CA GLY A 80 -14.79 1.28 -6.41
C GLY A 80 -13.76 0.18 -6.60
N ASP A 81 -12.99 -0.12 -5.57
CA ASP A 81 -11.95 -1.14 -5.65
C ASP A 81 -12.47 -2.53 -5.36
N THR A 82 -12.04 -3.48 -6.20
CA THR A 82 -12.37 -4.89 -6.06
C THR A 82 -11.30 -5.59 -5.22
N PRO A 83 -11.58 -6.84 -4.79
CA PRO A 83 -10.53 -7.57 -4.08
C PRO A 83 -9.23 -7.70 -4.89
N LEU A 84 -9.35 -7.82 -6.21
CA LEU A 84 -8.18 -7.85 -7.08
C LEU A 84 -7.36 -6.55 -7.05
N HIS A 85 -8.05 -5.40 -7.01
CA HIS A 85 -7.33 -4.13 -6.82
C HIS A 85 -6.48 -4.19 -5.54
N LEU A 86 -7.07 -4.69 -4.44
CA LEU A 86 -6.36 -4.70 -3.17
C LEU A 86 -5.23 -5.70 -3.17
N ALA A 87 -5.44 -6.87 -3.76
CA ALA A 87 -4.38 -7.90 -3.82
C ALA A 87 -3.20 -7.45 -4.67
N ALA A 88 -3.48 -6.70 -5.75
CA ALA A 88 -2.45 -6.16 -6.62
C ALA A 88 -1.66 -5.05 -5.92
N PHE A 89 -2.33 -4.34 -5.01
CA PHE A 89 -1.75 -3.26 -4.22
C PHE A 89 -0.70 -3.82 -3.25
N VAL A 90 -1.13 -4.70 -2.37
CA VAL A 90 -0.24 -5.26 -1.35
C VAL A 90 0.77 -6.24 -1.94
N GLY A 91 0.46 -6.76 -3.12
CA GLY A 91 1.40 -7.58 -3.84
C GLY A 91 1.35 -9.07 -3.54
N HIS A 92 0.17 -9.57 -3.23
CA HIS A 92 -0.02 -11.01 -2.95
C HIS A 92 -0.28 -11.75 -4.25
N LEU A 93 0.77 -12.33 -4.81
CA LEU A 93 0.72 -12.94 -6.13
C LEU A 93 -0.22 -14.16 -6.24
N GLU A 94 -0.13 -15.09 -5.29
CA GLU A 94 -1.01 -16.26 -5.33
C GLU A 94 -2.48 -15.88 -5.18
N ILE A 95 -2.77 -14.90 -4.32
CA ILE A 95 -4.16 -14.42 -4.19
C ILE A 95 -4.65 -13.78 -5.50
N VAL A 96 -3.79 -13.01 -6.17
CA VAL A 96 -4.15 -12.43 -7.47
C VAL A 96 -4.51 -13.57 -8.43
N GLU A 97 -3.69 -14.61 -8.47
CA GLU A 97 -3.94 -15.74 -9.38
C GLU A 97 -5.25 -16.46 -9.08
N VAL A 98 -5.51 -16.68 -7.79
CA VAL A 98 -6.77 -17.31 -7.37
C VAL A 98 -7.97 -16.44 -7.76
N LEU A 99 -7.89 -15.13 -7.53
CA LEU A 99 -8.99 -14.23 -7.88
C LEU A 99 -9.26 -14.28 -9.38
N LEU A 100 -8.19 -14.24 -10.16
CA LEU A 100 -8.34 -14.31 -11.61
C LEU A 100 -9.01 -15.62 -12.06
N LYS A 101 -8.57 -16.73 -11.50
CA LYS A 101 -9.14 -18.05 -11.85
C LYS A 101 -10.61 -18.18 -11.46
N ALA A 102 -11.02 -17.44 -10.43
CA ALA A 102 -12.43 -17.41 -9.98
C ALA A 102 -13.28 -16.38 -10.72
N GLY A 103 -12.72 -15.77 -11.77
CA GLY A 103 -13.49 -14.86 -12.61
C GLY A 103 -13.41 -13.37 -12.31
N ALA A 104 -12.41 -12.94 -11.54
CA ALA A 104 -12.25 -11.52 -11.27
C ALA A 104 -12.08 -10.75 -12.58
N ASP A 105 -12.73 -9.59 -12.66
CA ASP A 105 -12.60 -8.70 -13.81
C ASP A 105 -11.20 -8.06 -13.80
N VAL A 106 -10.34 -8.52 -14.71
CA VAL A 106 -8.94 -8.08 -14.75
C VAL A 106 -8.82 -6.57 -15.02
N ASN A 107 -9.83 -6.01 -15.67
CA ASN A 107 -9.85 -4.60 -16.03
C ASN A 107 -10.90 -3.79 -15.28
N ALA A 108 -11.27 -4.26 -14.07
CA ALA A 108 -12.16 -3.51 -13.19
C ALA A 108 -11.62 -2.10 -13.00
N VAL A 109 -12.51 -1.13 -12.99
CA VAL A 109 -12.10 0.25 -12.89
C VAL A 109 -12.69 0.83 -11.60
N ASP A 110 -11.86 1.43 -10.75
CA ASP A 110 -12.38 2.12 -9.54
C ASP A 110 -12.76 3.57 -9.85
N LEU A 111 -13.11 4.35 -8.83
CA LEU A 111 -13.64 5.70 -9.04
C LEU A 111 -12.57 6.60 -9.64
N ALA A 112 -11.31 6.28 -9.31
CA ALA A 112 -10.17 7.02 -9.82
C ALA A 112 -9.81 6.65 -11.27
N GLY A 113 -10.55 5.71 -11.86
CA GLY A 113 -10.25 5.22 -13.21
C GLY A 113 -9.11 4.21 -13.22
N VAL A 114 -8.76 3.75 -12.04
CA VAL A 114 -7.58 2.89 -11.83
C VAL A 114 -7.99 1.42 -11.96
N THR A 115 -7.20 0.69 -12.76
CA THR A 115 -7.36 -0.75 -13.00
C THR A 115 -6.34 -1.49 -12.15
N PRO A 116 -6.52 -2.82 -11.95
CA PRO A 116 -5.48 -3.53 -11.21
C PRO A 116 -4.07 -3.41 -11.82
N LEU A 117 -3.97 -3.30 -13.15
CA LEU A 117 -2.66 -3.13 -13.78
C LEU A 117 -2.03 -1.77 -13.41
N HIS A 118 -2.84 -0.71 -13.33
CA HIS A 118 -2.39 0.58 -12.82
C HIS A 118 -1.81 0.42 -11.42
N VAL A 119 -2.55 -0.31 -10.58
CA VAL A 119 -2.17 -0.51 -9.18
C VAL A 119 -0.83 -1.23 -9.08
N ALA A 120 -0.71 -2.38 -9.75
CA ALA A 120 0.52 -3.16 -9.75
C ALA A 120 1.70 -2.35 -10.30
N ALA A 121 1.46 -1.51 -11.30
CA ALA A 121 2.52 -0.67 -11.87
C ALA A 121 2.97 0.41 -10.87
N PHE A 122 2.00 1.01 -10.18
CA PHE A 122 2.34 2.05 -9.22
C PHE A 122 3.18 1.49 -8.09
N TYR A 123 2.78 0.33 -7.55
CA TYR A 123 3.44 -0.27 -6.38
C TYR A 123 4.62 -1.17 -6.72
N GLY A 124 4.95 -1.25 -8.01
CA GLY A 124 6.20 -1.86 -8.45
C GLY A 124 6.23 -3.36 -8.31
N HIS A 125 5.08 -3.99 -8.55
CA HIS A 125 4.99 -5.46 -8.43
C HIS A 125 5.05 -6.13 -9.80
N LEU A 126 6.27 -6.45 -10.24
CA LEU A 126 6.51 -6.90 -11.62
C LEU A 126 5.81 -8.22 -11.95
N GLU A 127 5.92 -9.18 -11.03
CA GLU A 127 5.35 -10.51 -11.24
C GLU A 127 3.82 -10.44 -11.31
N ILE A 128 3.23 -9.54 -10.52
CA ILE A 128 1.78 -9.34 -10.61
C ILE A 128 1.43 -8.68 -11.95
N VAL A 129 2.23 -7.69 -12.36
CA VAL A 129 2.06 -7.11 -13.70
C VAL A 129 2.00 -8.22 -14.76
N GLU A 130 2.94 -9.16 -14.70
CA GLU A 130 3.04 -10.20 -15.73
C GLU A 130 1.84 -11.13 -15.71
N VAL A 131 1.38 -11.50 -14.52
CA VAL A 131 0.17 -12.31 -14.38
C VAL A 131 -1.07 -11.58 -14.91
N LEU A 132 -1.15 -10.27 -14.63
CA LEU A 132 -2.30 -9.50 -15.11
C LEU A 132 -2.30 -9.37 -16.64
N LEU A 133 -1.11 -9.20 -17.22
CA LEU A 133 -0.98 -9.14 -18.67
C LEU A 133 -1.40 -10.45 -19.36
N LYS A 134 -0.98 -11.57 -18.78
CA LYS A 134 -1.39 -12.90 -19.28
C LYS A 134 -2.89 -13.12 -19.16
N ALA A 135 -3.53 -12.44 -18.22
CA ALA A 135 -4.97 -12.59 -18.03
C ALA A 135 -5.76 -11.57 -18.87
N GLY A 136 -5.05 -10.78 -19.66
CA GLY A 136 -5.69 -9.86 -20.61
C GLY A 136 -5.92 -8.44 -20.10
N ALA A 137 -5.09 -7.98 -19.16
CA ALA A 137 -5.15 -6.60 -18.68
C ALA A 137 -4.96 -5.63 -19.84
N ASP A 138 -5.74 -4.56 -19.82
CA ASP A 138 -5.73 -3.53 -20.87
C ASP A 138 -4.62 -2.50 -20.65
N VAL A 139 -3.57 -2.56 -21.45
CA VAL A 139 -2.42 -1.64 -21.28
C VAL A 139 -2.75 -0.20 -21.68
N ASN A 140 -3.82 -0.02 -22.46
CA ASN A 140 -4.19 1.33 -22.90
C ASN A 140 -5.20 2.03 -22.01
N ALA A 141 -5.63 1.37 -20.93
CA ALA A 141 -6.62 1.96 -20.01
C ALA A 141 -6.04 3.22 -19.36
N GLN A 142 -6.81 4.31 -19.40
CA GLN A 142 -6.37 5.57 -18.80
C GLN A 142 -7.15 5.87 -17.53
N ASP A 143 -6.44 6.28 -16.48
CA ASP A 143 -7.12 6.73 -15.26
C ASP A 143 -7.70 8.14 -15.45
N LYS A 144 -8.34 8.68 -14.41
CA LYS A 144 -9.03 9.97 -14.52
C LYS A 144 -8.10 11.15 -14.81
N PHE A 145 -6.79 10.95 -14.63
CA PHE A 145 -5.78 11.94 -15.03
C PHE A 145 -5.14 11.63 -16.38
N GLY A 146 -5.69 10.65 -17.09
CA GLY A 146 -5.21 10.33 -18.44
C GLY A 146 -3.98 9.42 -18.49
N LYS A 147 -3.60 8.85 -17.36
CA LYS A 147 -2.41 8.02 -17.28
C LYS A 147 -2.70 6.54 -17.58
N THR A 148 -1.87 5.94 -18.44
CA THR A 148 -1.86 4.49 -18.65
C THR A 148 -1.02 3.83 -17.55
N PRO A 149 -1.11 2.48 -17.40
CA PRO A 149 -0.21 1.83 -16.44
C PRO A 149 1.29 2.04 -16.77
N ALA A 150 1.64 2.11 -18.05
CA ALA A 150 3.02 2.43 -18.46
C ALA A 150 3.43 3.82 -18.00
N ASP A 151 2.54 4.80 -18.14
CA ASP A 151 2.79 6.16 -17.68
C ASP A 151 3.12 6.11 -16.18
N ILE A 152 2.32 5.36 -15.44
CA ILE A 152 2.46 5.28 -13.98
C ILE A 152 3.81 4.65 -13.59
N ALA A 153 4.16 3.55 -14.26
CA ALA A 153 5.41 2.85 -13.96
C ALA A 153 6.63 3.74 -14.23
N ALA A 154 6.61 4.40 -15.38
CA ALA A 154 7.64 5.38 -15.75
C ALA A 154 7.71 6.55 -14.74
N ASP A 155 6.56 7.16 -14.44
CA ASP A 155 6.49 8.32 -13.53
C ASP A 155 7.07 7.99 -12.14
N ASN A 156 6.86 6.75 -11.70
CA ASN A 156 7.29 6.31 -10.38
C ASN A 156 8.62 5.54 -10.39
N GLY A 157 9.29 5.60 -11.54
CA GLY A 157 10.62 5.03 -11.69
C GLY A 157 10.74 3.53 -11.50
N HIS A 158 9.69 2.79 -11.86
CA HIS A 158 9.74 1.32 -11.83
C HIS A 158 10.05 0.82 -13.24
N GLU A 159 11.34 0.75 -13.53
CA GLU A 159 11.85 0.59 -14.89
C GLU A 159 11.58 -0.78 -15.52
N ASP A 160 11.72 -1.83 -14.71
CA ASP A 160 11.42 -3.19 -15.15
C ASP A 160 9.99 -3.29 -15.69
N ILE A 161 9.04 -2.72 -14.97
CA ILE A 161 7.64 -2.69 -15.37
C ILE A 161 7.41 -1.78 -16.57
N ALA A 162 7.99 -0.57 -16.53
CA ALA A 162 7.90 0.34 -17.65
C ALA A 162 8.34 -0.36 -18.95
N GLU A 163 9.46 -1.09 -18.90
CA GLU A 163 10.00 -1.73 -20.10
C GLU A 163 9.10 -2.84 -20.66
N VAL A 164 8.56 -3.69 -19.79
CA VAL A 164 7.62 -4.74 -20.22
C VAL A 164 6.40 -4.10 -20.89
N LEU A 165 5.80 -3.11 -20.23
CA LEU A 165 4.61 -2.46 -20.78
C LEU A 165 4.86 -1.74 -22.10
N GLN A 166 6.08 -1.22 -22.27
CA GLN A 166 6.45 -0.49 -23.49
C GLN A 166 6.56 -1.42 -24.72
N LYS A 167 6.70 -2.71 -24.47
CA LYS A 167 6.62 -3.70 -25.55
C LYS A 167 5.24 -3.76 -26.22
N LEU A 168 4.24 -3.25 -25.52
CA LEU A 168 2.85 -3.25 -25.96
C LEU A 168 2.33 -1.87 -26.36
N ASN A 169 3.22 -0.88 -26.36
CA ASN A 169 2.88 0.48 -26.75
C ASN A 169 3.38 0.71 -28.17
N ASP B 13 9.17 26.51 -11.63
CA ASP B 13 9.61 25.59 -12.71
C ASP B 13 10.48 24.45 -12.16
N LEU B 14 11.57 24.79 -11.49
CA LEU B 14 12.53 23.79 -10.98
C LEU B 14 11.96 22.88 -9.89
N GLY B 15 11.03 23.42 -9.11
CA GLY B 15 10.32 22.66 -8.08
C GLY B 15 9.56 21.48 -8.63
N LYS B 16 8.74 21.72 -9.65
CA LYS B 16 7.99 20.66 -10.33
C LYS B 16 8.94 19.65 -10.99
N LYS B 17 10.01 20.15 -11.60
CA LYS B 17 11.03 19.27 -12.20
C LYS B 17 11.68 18.35 -11.15
N LEU B 18 11.94 18.88 -9.96
CA LEU B 18 12.52 18.09 -8.90
C LEU B 18 11.54 17.05 -8.34
N LEU B 19 10.28 17.45 -8.15
CA LEU B 19 9.24 16.49 -7.77
C LEU B 19 9.16 15.33 -8.78
N GLU B 20 9.13 15.67 -10.06
CA GLU B 20 9.09 14.65 -11.11
C GLU B 20 10.33 13.75 -11.15
N ALA B 21 11.51 14.35 -11.07
CA ALA B 21 12.76 13.57 -11.08
C ALA B 21 12.88 12.66 -9.86
N ALA B 22 12.50 13.16 -8.68
CA ALA B 22 12.56 12.37 -7.47
C ALA B 22 11.58 11.20 -7.52
N ARG B 23 10.36 11.47 -7.98
CA ARG B 23 9.37 10.40 -8.17
C ARG B 23 9.86 9.34 -9.17
N ALA B 24 10.49 9.79 -10.26
CA ALA B 24 10.96 8.89 -11.33
C ALA B 24 12.27 8.17 -10.99
N GLY B 25 12.85 8.47 -9.83
CA GLY B 25 14.09 7.81 -9.39
C GLY B 25 15.31 8.16 -10.23
N GLN B 26 15.33 9.38 -10.73
CA GLN B 26 16.43 9.85 -11.59
C GLN B 26 17.50 10.51 -10.72
N ASP B 27 18.46 9.71 -10.24
CA ASP B 27 19.44 10.16 -9.25
C ASP B 27 20.22 11.38 -9.74
N ASP B 28 20.76 11.26 -10.94
CA ASP B 28 21.62 12.30 -11.50
C ASP B 28 20.84 13.56 -11.81
N GLU B 29 19.60 13.41 -12.25
CA GLU B 29 18.75 14.56 -12.57
C GLU B 29 18.40 15.34 -11.29
N VAL B 30 18.09 14.59 -10.23
CA VAL B 30 17.83 15.19 -8.93
C VAL B 30 19.04 16.04 -8.54
N ARG B 31 20.25 15.50 -8.64
CA ARG B 31 21.45 16.24 -8.30
C ARG B 31 21.69 17.47 -9.17
N ILE B 32 21.48 17.34 -10.49
CA ILE B 32 21.59 18.48 -11.40
C ILE B 32 20.65 19.61 -10.98
N LEU B 33 19.38 19.26 -10.74
CA LEU B 33 18.33 20.22 -10.38
C LEU B 33 18.64 20.97 -9.08
N MET B 34 19.16 20.24 -8.09
CA MET B 34 19.54 20.87 -6.83
C MET B 34 20.72 21.82 -7.01
N ALA B 35 21.72 21.41 -7.79
CA ALA B 35 22.86 22.27 -8.12
C ALA B 35 22.42 23.51 -8.88
N ASN B 36 21.32 23.39 -9.62
CA ASN B 36 20.70 24.53 -10.28
C ASN B 36 19.74 25.34 -9.39
N GLY B 37 19.67 24.99 -8.12
CA GLY B 37 18.89 25.76 -7.13
C GLY B 37 17.45 25.35 -6.89
N ALA B 38 17.05 24.16 -7.35
CA ALA B 38 15.69 23.65 -7.13
C ALA B 38 15.37 23.59 -5.65
N ASP B 39 14.15 23.97 -5.29
CA ASP B 39 13.67 23.95 -3.90
C ASP B 39 13.46 22.50 -3.42
N VAL B 40 14.30 22.05 -2.49
CA VAL B 40 14.25 20.66 -2.00
C VAL B 40 12.90 20.33 -1.34
N ASN B 41 12.22 21.35 -0.83
CA ASN B 41 10.93 21.16 -0.17
C ASN B 41 9.73 21.63 -1.00
N ALA B 42 9.86 21.57 -2.32
CA ALA B 42 8.78 21.97 -3.21
C ALA B 42 7.58 21.06 -2.99
N LEU B 43 6.37 21.59 -3.18
CA LEU B 43 5.17 20.81 -2.92
C LEU B 43 4.32 20.61 -4.15
N ASP B 44 3.72 19.42 -4.29
CA ASP B 44 2.70 19.22 -5.31
C ASP B 44 1.33 19.46 -4.69
N ASP B 45 0.27 19.28 -5.48
CA ASP B 45 -1.09 19.61 -5.01
C ASP B 45 -1.56 18.79 -3.82
N SER B 46 -0.93 17.65 -3.57
CA SER B 46 -1.31 16.80 -2.45
C SER B 46 -0.45 17.03 -1.22
N GLY B 47 0.43 18.04 -1.26
CA GLY B 47 1.34 18.32 -0.17
C GLY B 47 2.54 17.38 -0.09
N TYR B 48 2.74 16.56 -1.13
CA TYR B 48 3.97 15.75 -1.22
C TYR B 48 5.19 16.60 -1.59
N THR B 49 6.28 16.38 -0.86
CA THR B 49 7.61 16.91 -1.15
C THR B 49 8.39 15.87 -1.97
N PRO B 50 9.54 16.25 -2.57
CA PRO B 50 10.35 15.25 -3.26
C PRO B 50 10.69 14.05 -2.36
N LEU B 51 10.92 14.32 -1.07
CA LEU B 51 11.25 13.26 -0.12
C LEU B 51 10.12 12.26 0.07
N HIS B 52 8.87 12.74 0.10
CA HIS B 52 7.71 11.85 0.18
C HIS B 52 7.71 10.90 -1.01
N LEU B 53 7.90 11.45 -2.21
CA LEU B 53 7.81 10.66 -3.43
C LEU B 53 8.93 9.63 -3.55
N ALA B 54 10.18 10.04 -3.31
CA ALA B 54 11.33 9.11 -3.31
C ALA B 54 11.16 7.99 -2.27
N ALA B 55 10.70 8.37 -1.08
CA ALA B 55 10.47 7.41 0.00
C ALA B 55 9.40 6.41 -0.35
N GLU B 56 8.26 6.89 -0.87
CA GLU B 56 7.18 5.97 -1.21
C GLU B 56 7.56 5.04 -2.37
N ASP B 57 8.34 5.55 -3.33
CA ASP B 57 8.62 4.79 -4.54
C ASP B 57 9.92 4.01 -4.43
N GLY B 58 10.53 4.04 -3.26
CA GLY B 58 11.69 3.17 -2.95
C GLY B 58 13.01 3.60 -3.59
N HIS B 59 13.16 4.90 -3.80
CA HIS B 59 14.37 5.42 -4.42
C HIS B 59 15.37 5.85 -3.34
N LEU B 60 16.14 4.89 -2.86
CA LEU B 60 17.02 5.08 -1.71
C LEU B 60 18.09 6.16 -1.88
N GLU B 61 18.83 6.12 -2.98
CA GLU B 61 19.90 7.10 -3.20
C GLU B 61 19.34 8.52 -3.19
N ILE B 62 18.16 8.70 -3.78
CA ILE B 62 17.48 10.01 -3.80
C ILE B 62 17.01 10.46 -2.41
N VAL B 63 16.44 9.55 -1.64
CA VAL B 63 16.12 9.85 -0.23
C VAL B 63 17.38 10.41 0.48
N GLU B 64 18.50 9.68 0.37
CA GLU B 64 19.74 10.09 1.03
C GLU B 64 20.23 11.48 0.60
N VAL B 65 20.21 11.75 -0.70
CA VAL B 65 20.72 13.03 -1.19
C VAL B 65 19.80 14.18 -0.79
N LEU B 66 18.50 13.99 -0.94
CA LEU B 66 17.54 15.02 -0.50
C LEU B 66 17.73 15.45 0.95
N LEU B 67 17.96 14.47 1.83
CA LEU B 67 18.21 14.75 3.25
C LEU B 67 19.52 15.55 3.47
N LYS B 68 20.58 15.20 2.75
CA LYS B 68 21.82 15.97 2.78
C LYS B 68 21.60 17.41 2.31
N HIS B 69 20.62 17.60 1.44
CA HIS B 69 20.33 18.92 0.88
C HIS B 69 19.19 19.63 1.60
N GLY B 70 18.85 19.11 2.78
CA GLY B 70 17.99 19.86 3.68
C GLY B 70 16.51 19.63 3.51
N ALA B 71 16.13 18.52 2.86
CA ALA B 71 14.73 18.05 2.85
C ALA B 71 14.21 17.92 4.29
N ASP B 72 13.01 18.43 4.52
CA ASP B 72 12.34 18.33 5.83
C ASP B 72 11.88 16.89 6.07
N VAL B 73 12.61 16.19 6.95
CA VAL B 73 12.36 14.76 7.22
C VAL B 73 10.96 14.48 7.78
N ASN B 74 10.35 15.49 8.39
CA ASN B 74 9.04 15.36 9.03
C ASN B 74 7.94 16.14 8.30
N ALA B 75 8.21 16.54 7.06
CA ALA B 75 7.18 17.22 6.26
C ALA B 75 5.91 16.38 6.20
N ALA B 76 4.78 17.04 6.42
CA ALA B 76 3.47 16.37 6.40
C ALA B 76 2.70 16.73 5.14
N ASP B 77 2.18 15.74 4.43
CA ASP B 77 1.39 16.02 3.23
C ASP B 77 -0.03 16.41 3.63
N ARG B 78 -0.91 16.55 2.64
CA ARG B 78 -2.31 16.95 2.92
C ARG B 78 -3.04 16.03 3.90
N LEU B 79 -2.69 14.75 3.93
CA LEU B 79 -3.32 13.81 4.87
C LEU B 79 -2.57 13.71 6.20
N GLY B 80 -1.52 14.51 6.38
CA GLY B 80 -0.72 14.51 7.60
C GLY B 80 0.36 13.44 7.65
N ASP B 81 0.54 12.72 6.55
CA ASP B 81 1.55 11.67 6.47
C ASP B 81 2.93 12.22 6.19
N THR B 82 3.90 11.68 6.91
CA THR B 82 5.31 12.05 6.72
C THR B 82 5.94 11.05 5.74
N PRO B 83 7.18 11.31 5.29
CA PRO B 83 7.85 10.30 4.45
C PRO B 83 7.97 8.94 5.14
N LEU B 84 8.17 8.96 6.47
CA LEU B 84 8.22 7.73 7.25
C LEU B 84 6.90 6.94 7.23
N HIS B 85 5.75 7.63 7.31
CA HIS B 85 4.46 6.95 7.15
C HIS B 85 4.41 6.21 5.82
N LEU B 86 4.75 6.92 4.73
CA LEU B 86 4.69 6.34 3.40
C LEU B 86 5.65 5.19 3.18
N ALA B 87 6.86 5.31 3.72
CA ALA B 87 7.84 4.24 3.56
C ALA B 87 7.43 3.00 4.37
N ALA B 88 6.83 3.20 5.54
CA ALA B 88 6.34 2.10 6.36
C ALA B 88 5.12 1.45 5.72
N PHE B 89 4.37 2.26 4.98
CA PHE B 89 3.18 1.84 4.25
C PHE B 89 3.50 0.80 3.17
N VAL B 90 4.41 1.14 2.25
CA VAL B 90 4.80 0.22 1.17
C VAL B 90 5.89 -0.78 1.56
N GLY B 91 6.49 -0.60 2.74
CA GLY B 91 7.44 -1.59 3.25
C GLY B 91 8.89 -1.44 2.79
N HIS B 92 9.33 -0.21 2.54
CA HIS B 92 10.74 0.01 2.15
C HIS B 92 11.65 0.13 3.38
N LEU B 93 12.28 -0.97 3.76
CA LEU B 93 12.97 -1.08 5.05
C LEU B 93 14.17 -0.14 5.14
N GLU B 94 14.98 -0.12 4.08
CA GLU B 94 16.21 0.66 4.02
C GLU B 94 15.92 2.16 4.13
N ILE B 95 14.85 2.59 3.46
CA ILE B 95 14.40 3.97 3.51
C ILE B 95 13.91 4.34 4.92
N VAL B 96 13.10 3.48 5.52
CA VAL B 96 12.69 3.68 6.93
C VAL B 96 13.92 3.91 7.82
N GLU B 97 14.94 3.05 7.66
CA GLU B 97 16.15 3.16 8.45
C GLU B 97 16.90 4.50 8.27
N VAL B 98 17.02 4.92 7.01
CA VAL B 98 17.70 6.17 6.66
C VAL B 98 16.91 7.37 7.21
N LEU B 99 15.59 7.33 7.08
CA LEU B 99 14.75 8.41 7.60
C LEU B 99 14.92 8.54 9.13
N LEU B 100 14.90 7.41 9.84
CA LEU B 100 15.12 7.42 11.29
C LEU B 100 16.48 8.00 11.67
N LYS B 101 17.55 7.50 11.05
CA LYS B 101 18.91 8.02 11.29
C LYS B 101 18.98 9.54 11.05
N ALA B 102 18.17 10.06 10.13
CA ALA B 102 18.13 11.49 9.81
C ALA B 102 17.20 12.32 10.71
N GLY B 103 16.59 11.66 11.69
CA GLY B 103 15.81 12.36 12.70
C GLY B 103 14.30 12.35 12.52
N ALA B 104 13.80 11.46 11.67
CA ALA B 104 12.36 11.33 11.49
C ALA B 104 11.69 11.05 12.83
N ASP B 105 10.58 11.72 13.06
CA ASP B 105 9.76 11.52 14.25
C ASP B 105 9.10 10.14 14.17
N VAL B 106 9.63 9.20 14.96
CA VAL B 106 9.15 7.82 14.97
C VAL B 106 7.66 7.75 15.33
N ASN B 107 7.18 8.74 16.06
CA ASN B 107 5.80 8.76 16.52
C ASN B 107 4.91 9.81 15.87
N ALA B 108 5.28 10.25 14.67
CA ALA B 108 4.45 11.20 13.93
C ALA B 108 3.03 10.67 13.75
N VAL B 109 2.06 11.56 13.90
CA VAL B 109 0.65 11.19 13.78
C VAL B 109 0.05 11.91 12.58
N ASP B 110 -0.58 11.16 11.67
CA ASP B 110 -1.32 11.79 10.58
C ASP B 110 -2.71 12.20 11.02
N LEU B 111 -3.49 12.75 10.09
CA LEU B 111 -4.83 13.24 10.41
C LEU B 111 -5.78 12.13 10.85
N ALA B 112 -5.55 10.91 10.35
CA ALA B 112 -6.36 9.75 10.72
C ALA B 112 -6.00 9.21 12.11
N GLY B 113 -4.99 9.80 12.74
CA GLY B 113 -4.58 9.42 14.09
C GLY B 113 -3.61 8.26 14.11
N VAL B 114 -2.97 8.01 12.97
CA VAL B 114 -2.14 6.82 12.78
C VAL B 114 -0.64 7.16 12.84
N THR B 115 0.12 6.34 13.56
CA THR B 115 1.58 6.45 13.64
C THR B 115 2.24 5.45 12.68
N PRO B 116 3.54 5.62 12.41
CA PRO B 116 4.20 4.66 11.51
C PRO B 116 4.13 3.22 12.02
N LEU B 117 4.09 3.03 13.34
CA LEU B 117 3.96 1.67 13.89
C LEU B 117 2.60 1.05 13.59
N HIS B 118 1.54 1.84 13.68
CA HIS B 118 0.20 1.40 13.23
C HIS B 118 0.24 0.97 11.78
N VAL B 119 0.90 1.78 10.93
CA VAL B 119 0.95 1.50 9.50
C VAL B 119 1.68 0.19 9.20
N ALA B 120 2.87 0.05 9.77
CA ALA B 120 3.67 -1.14 9.56
C ALA B 120 2.94 -2.40 10.08
N ALA B 121 2.23 -2.26 11.20
CA ALA B 121 1.47 -3.37 11.78
C ALA B 121 0.28 -3.78 10.89
N PHE B 122 -0.41 -2.79 10.33
CA PHE B 122 -1.54 -3.03 9.44
C PHE B 122 -1.11 -3.79 8.19
N TYR B 123 -0.02 -3.35 7.58
CA TYR B 123 0.43 -3.91 6.31
C TYR B 123 1.42 -5.07 6.47
N GLY B 124 1.59 -5.53 7.72
CA GLY B 124 2.31 -6.78 7.98
C GLY B 124 3.80 -6.74 7.69
N HIS B 125 4.41 -5.57 7.85
CA HIS B 125 5.85 -5.43 7.62
C HIS B 125 6.63 -5.64 8.93
N LEU B 126 7.03 -6.88 9.17
CA LEU B 126 7.60 -7.26 10.46
C LEU B 126 8.93 -6.55 10.77
N GLU B 127 9.84 -6.56 9.80
CA GLU B 127 11.16 -5.92 9.94
C GLU B 127 11.03 -4.42 10.24
N ILE B 128 10.10 -3.77 9.54
CA ILE B 128 9.84 -2.35 9.79
C ILE B 128 9.29 -2.12 11.21
N VAL B 129 8.35 -2.96 11.64
CA VAL B 129 7.87 -2.92 13.02
C VAL B 129 9.07 -2.98 13.99
N GLU B 130 9.99 -3.90 13.72
CA GLU B 130 11.15 -4.08 14.60
C GLU B 130 12.08 -2.88 14.62
N VAL B 131 12.35 -2.27 13.46
CA VAL B 131 13.23 -1.10 13.45
C VAL B 131 12.55 0.12 14.10
N LEU B 132 11.24 0.24 13.93
CA LEU B 132 10.48 1.30 14.59
C LEU B 132 10.52 1.13 16.12
N LEU B 133 10.37 -0.10 16.59
CA LEU B 133 10.46 -0.37 18.04
C LEU B 133 11.83 0.07 18.59
N LYS B 134 12.89 -0.36 17.90
CA LYS B 134 14.25 0.02 18.25
C LYS B 134 14.44 1.53 18.34
N ALA B 135 13.76 2.27 17.48
CA ALA B 135 13.88 3.73 17.40
C ALA B 135 12.94 4.47 18.36
N GLY B 136 12.22 3.71 19.18
CA GLY B 136 11.39 4.25 20.24
C GLY B 136 9.92 4.45 19.90
N ALA B 137 9.39 3.69 18.94
CA ALA B 137 7.97 3.77 18.59
C ALA B 137 7.08 3.47 19.80
N ASP B 138 6.03 4.26 19.98
CA ASP B 138 5.13 4.16 21.13
C ASP B 138 4.10 3.03 20.96
N VAL B 139 4.30 1.92 21.66
CA VAL B 139 3.39 0.75 21.55
C VAL B 139 1.96 1.00 22.04
N ASN B 140 1.76 2.06 22.83
CA ASN B 140 0.43 2.33 23.39
C ASN B 140 -0.38 3.38 22.66
N ALA B 141 0.19 3.96 21.60
CA ALA B 141 -0.50 4.93 20.75
C ALA B 141 -1.80 4.34 20.20
N GLN B 142 -2.87 5.12 20.27
CA GLN B 142 -4.18 4.69 19.79
C GLN B 142 -4.61 5.48 18.58
N ASP B 143 -5.15 4.79 17.58
CA ASP B 143 -5.72 5.45 16.43
C ASP B 143 -7.13 5.98 16.77
N LYS B 144 -7.78 6.59 15.77
CA LYS B 144 -9.16 7.10 15.88
C LYS B 144 -10.13 6.12 16.54
N PHE B 145 -9.84 4.83 16.42
CA PHE B 145 -10.76 3.77 16.86
C PHE B 145 -10.34 3.14 18.18
N GLY B 146 -9.34 3.75 18.84
CA GLY B 146 -8.83 3.26 20.11
C GLY B 146 -7.88 2.07 20.00
N LYS B 147 -7.48 1.74 18.77
CA LYS B 147 -6.60 0.58 18.52
C LYS B 147 -5.12 0.94 18.62
N THR B 148 -4.36 0.07 19.28
CA THR B 148 -2.90 0.15 19.35
C THR B 148 -2.34 -0.62 18.16
N PRO B 149 -1.03 -0.49 17.88
CA PRO B 149 -0.43 -1.31 16.81
C PRO B 149 -0.62 -2.82 17.06
N ALA B 150 -0.50 -3.25 18.31
CA ALA B 150 -0.78 -4.65 18.68
C ALA B 150 -2.20 -5.07 18.30
N ASP B 151 -3.18 -4.20 18.59
CA ASP B 151 -4.57 -4.44 18.21
C ASP B 151 -4.73 -4.66 16.71
N ILE B 152 -4.06 -3.82 15.94
CA ILE B 152 -4.17 -3.81 14.49
C ILE B 152 -3.56 -5.07 13.86
N ALA B 153 -2.37 -5.45 14.35
CA ALA B 153 -1.71 -6.67 13.89
C ALA B 153 -2.59 -7.91 14.12
N ALA B 154 -3.22 -7.95 15.30
CA ALA B 154 -4.12 -9.05 15.66
C ALA B 154 -5.37 -9.04 14.79
N ASP B 155 -6.03 -7.87 14.69
CA ASP B 155 -7.22 -7.70 13.83
C ASP B 155 -6.98 -8.09 12.38
N ASN B 156 -5.78 -7.84 11.89
CA ASN B 156 -5.47 -8.15 10.49
C ASN B 156 -4.72 -9.47 10.29
N GLY B 157 -4.59 -10.23 11.37
CA GLY B 157 -4.06 -11.59 11.34
C GLY B 157 -2.59 -11.69 10.98
N HIS B 158 -1.82 -10.67 11.36
CA HIS B 158 -0.38 -10.71 11.16
C HIS B 158 0.21 -11.21 12.46
N GLU B 159 0.31 -12.53 12.55
CA GLU B 159 0.58 -13.20 13.83
C GLU B 159 1.99 -12.97 14.38
N ASP B 160 3.00 -12.99 13.51
CA ASP B 160 4.37 -12.72 13.94
C ASP B 160 4.50 -11.33 14.60
N ILE B 161 3.98 -10.30 13.94
CA ILE B 161 3.93 -8.96 14.51
C ILE B 161 3.17 -8.93 15.84
N ALA B 162 2.00 -9.57 15.88
CA ALA B 162 1.20 -9.64 17.10
C ALA B 162 2.01 -10.26 18.23
N GLU B 163 2.72 -11.35 17.95
CA GLU B 163 3.54 -12.01 18.96
C GLU B 163 4.71 -11.16 19.44
N VAL B 164 5.44 -10.56 18.50
CA VAL B 164 6.53 -9.65 18.85
C VAL B 164 6.05 -8.54 19.80
N LEU B 165 4.95 -7.90 19.46
CA LEU B 165 4.44 -6.78 20.26
C LEU B 165 3.93 -7.21 21.64
N GLN B 166 3.30 -8.38 21.69
CA GLN B 166 2.83 -8.95 22.95
C GLN B 166 3.94 -9.23 23.98
N LYS B 167 5.20 -9.18 23.55
CA LYS B 167 6.32 -9.41 24.47
C LYS B 167 7.11 -8.14 24.83
N LEU B 168 7.63 -7.43 23.84
CA LEU B 168 8.36 -6.18 24.07
C LEU B 168 8.45 -5.35 22.79
#